data_8BDK
#
_entry.id   8BDK
#
_cell.length_a   42.016
_cell.length_b   81.154
_cell.length_c   53.543
_cell.angle_alpha   90.000
_cell.angle_beta   98.710
_cell.angle_gamma   90.000
#
_symmetry.space_group_name_H-M   'P 1 21 1'
#
loop_
_entity.id
_entity.type
_entity.pdbx_description
1 polymer 'DNA-binding protein HmvA'
2 water water
#
_entity_poly.entity_id   1
_entity_poly.type   'polypeptide(L)'
_entity_poly.pdbx_seq_one_letter_code
;MLPKATVKRIMKQHTDFNISAEAVDELCNMLEEIIKITTEVAEQNARKEGRKTIKARDIKQCDDERLKRKIMELSERTDK
MPILIKEMLNVITSEL
;
_entity_poly.pdbx_strand_id   A,B,D,E
#
# COMPACT_ATOMS: atom_id res chain seq x y z
N MET A 1 -17.66 9.13 12.20
CA MET A 1 -18.27 7.81 12.11
C MET A 1 -19.52 7.85 11.24
N LEU A 2 -19.80 6.75 10.53
CA LEU A 2 -20.97 6.67 9.67
C LEU A 2 -22.20 6.24 10.49
N PRO A 3 -23.38 6.82 10.20
CA PRO A 3 -24.58 6.45 10.96
C PRO A 3 -25.09 5.08 10.55
N LYS A 4 -25.14 4.15 11.50
CA LYS A 4 -25.54 2.79 11.20
C LYS A 4 -26.96 2.72 10.66
N ALA A 5 -27.84 3.58 11.17
CA ALA A 5 -29.21 3.58 10.68
C ALA A 5 -29.28 3.96 9.20
N THR A 6 -28.40 4.87 8.75
CA THR A 6 -28.40 5.24 7.35
C THR A 6 -27.82 4.12 6.48
N VAL A 7 -26.74 3.49 6.92
CA VAL A 7 -26.17 2.39 6.15
C VAL A 7 -27.18 1.25 6.01
N LYS A 8 -27.84 0.88 7.11
CA LYS A 8 -28.79 -0.23 7.02
C LYS A 8 -29.97 0.14 6.12
N ARG A 9 -30.39 1.41 6.16
CA ARG A 9 -31.46 1.86 5.28
C ARG A 9 -31.08 1.64 3.81
N ILE A 10 -29.84 1.98 3.45
CA ILE A 10 -29.40 1.82 2.07
C ILE A 10 -29.26 0.34 1.73
N MET A 11 -28.71 -0.45 2.65
CA MET A 11 -28.66 -1.91 2.46
C MET A 11 -30.05 -2.46 2.13
N LYS A 12 -31.08 -2.04 2.86
CA LYS A 12 -32.40 -2.59 2.62
C LYS A 12 -33.02 -2.05 1.34
N GLN A 13 -32.36 -1.12 0.67
CA GLN A 13 -32.78 -0.77 -0.68
C GLN A 13 -32.29 -1.79 -1.71
N HIS A 14 -31.45 -2.73 -1.30
CA HIS A 14 -30.91 -3.75 -2.18
C HIS A 14 -31.21 -5.17 -1.72
N THR A 15 -31.99 -5.35 -0.66
CA THR A 15 -32.35 -6.68 -0.20
C THR A 15 -33.67 -6.61 0.55
N ASP A 16 -34.48 -7.66 0.40
CA ASP A 16 -35.62 -7.84 1.28
C ASP A 16 -35.24 -8.50 2.58
N PHE A 17 -34.03 -9.08 2.68
CA PHE A 17 -33.67 -9.88 3.85
C PHE A 17 -33.60 -9.00 5.09
N ASN A 18 -33.83 -9.62 6.26
CA ASN A 18 -33.44 -8.98 7.50
C ASN A 18 -31.91 -8.84 7.53
N ILE A 19 -31.43 -7.91 8.35
CA ILE A 19 -29.99 -7.65 8.44
C ILE A 19 -29.61 -7.49 9.90
N SER A 20 -28.63 -8.27 10.35
CA SER A 20 -28.27 -8.21 11.76
C SER A 20 -27.46 -6.95 12.06
N ALA A 21 -27.51 -6.55 13.34
CA ALA A 21 -26.71 -5.40 13.78
C ALA A 21 -25.22 -5.63 13.53
N GLU A 22 -24.75 -6.86 13.74
CA GLU A 22 -23.34 -7.16 13.48
C GLU A 22 -23.00 -7.02 12.00
N ALA A 23 -23.92 -7.40 11.11
CA ALA A 23 -23.64 -7.24 9.68
C ALA A 23 -23.54 -5.77 9.31
N VAL A 24 -24.43 -4.94 9.86
CA VAL A 24 -24.36 -3.51 9.58
C VAL A 24 -23.03 -2.94 10.06
N ASP A 25 -22.60 -3.33 11.26
CA ASP A 25 -21.33 -2.88 11.82
C ASP A 25 -20.17 -3.22 10.91
N GLU A 26 -20.16 -4.45 10.35
CA GLU A 26 -19.05 -4.85 9.52
C GLU A 26 -19.00 -4.04 8.23
N LEU A 27 -20.14 -3.82 7.59
CA LEU A 27 -20.15 -2.94 6.42
C LEU A 27 -19.68 -1.53 6.77
N CYS A 28 -20.14 -0.98 7.89
CA CYS A 28 -19.66 0.33 8.32
C CYS A 28 -18.15 0.34 8.48
N ASN A 29 -17.59 -0.72 9.07
CA ASN A 29 -16.14 -0.82 9.23
C ASN A 29 -15.43 -0.79 7.88
N MET A 30 -15.91 -1.61 6.93
CA MET A 30 -15.34 -1.61 5.60
C MET A 30 -15.45 -0.24 4.95
N LEU A 31 -16.63 0.39 5.06
CA LEU A 31 -16.81 1.72 4.47
C LEU A 31 -15.81 2.72 5.01
N GLU A 32 -15.60 2.71 6.33
CA GLU A 32 -14.63 3.63 6.94
C GLU A 32 -13.21 3.36 6.44
N GLU A 33 -12.84 2.08 6.31
CA GLU A 33 -11.55 1.76 5.74
C GLU A 33 -11.43 2.29 4.32
N ILE A 34 -12.50 2.17 3.53
CA ILE A 34 -12.49 2.67 2.16
C ILE A 34 -12.29 4.18 2.13
N ILE A 35 -13.04 4.90 2.98
CA ILE A 35 -12.89 6.35 3.06
C ILE A 35 -11.44 6.71 3.38
N LYS A 36 -10.84 6.00 4.33
CA LYS A 36 -9.45 6.26 4.71
C LYS A 36 -8.50 6.08 3.54
N ILE A 37 -8.54 4.92 2.88
CA ILE A 37 -7.48 4.68 1.89
C ILE A 37 -7.74 5.47 0.61
N THR A 38 -9.01 5.73 0.25
CA THR A 38 -9.27 6.59 -0.90
C THR A 38 -8.73 7.99 -0.64
N THR A 39 -9.00 8.52 0.55
CA THR A 39 -8.58 9.88 0.87
C THR A 39 -7.06 9.99 0.88
N GLU A 40 -6.38 8.96 1.40
CA GLU A 40 -4.93 8.99 1.45
C GLU A 40 -4.34 8.94 0.05
N VAL A 41 -4.88 8.05 -0.81
CA VAL A 41 -4.43 7.97 -2.19
C VAL A 41 -4.75 9.27 -2.93
N ALA A 42 -5.95 9.83 -2.71
CA ALA A 42 -6.28 11.09 -3.37
C ALA A 42 -5.29 12.19 -2.99
N GLU A 43 -4.91 12.27 -1.71
CA GLU A 43 -3.93 13.28 -1.30
C GLU A 43 -2.59 13.07 -2.00
N GLN A 44 -2.16 11.81 -2.14
CA GLN A 44 -0.92 11.53 -2.84
C GLN A 44 -1.00 11.99 -4.29
N ASN A 45 -2.19 11.88 -4.87
CA ASN A 45 -2.38 12.28 -6.27
C ASN A 45 -2.38 13.80 -6.42
N ALA A 46 -2.98 14.52 -5.46
CA ALA A 46 -2.94 15.97 -5.51
C ALA A 46 -1.52 16.50 -5.33
N ARG A 47 -0.74 15.84 -4.48
CA ARG A 47 0.66 16.21 -4.28
C ARG A 47 1.46 16.12 -5.57
N LYS A 48 1.27 15.04 -6.34
CA LYS A 48 2.01 14.89 -7.59
C LYS A 48 1.78 16.05 -8.55
N GLU A 49 0.65 16.75 -8.42
CA GLU A 49 0.36 17.94 -9.20
C GLU A 49 0.61 19.23 -8.43
N GLY A 50 1.24 19.15 -7.26
CA GLY A 50 1.58 20.36 -6.53
C GLY A 50 0.40 21.07 -5.90
N ARG A 51 -0.73 20.41 -5.77
CA ARG A 51 -1.92 20.99 -5.16
C ARG A 51 -2.02 20.64 -3.69
N LYS A 52 -2.73 21.50 -2.95
CA LYS A 52 -3.08 21.23 -1.56
C LYS A 52 -4.57 20.99 -1.38
N THR A 53 -5.26 20.68 -2.48
CA THR A 53 -6.70 20.47 -2.53
C THR A 53 -6.95 19.20 -3.31
N ILE A 54 -7.71 18.28 -2.71
CA ILE A 54 -8.11 17.06 -3.39
C ILE A 54 -9.27 17.39 -4.33
N LYS A 55 -9.14 16.97 -5.57
CA LYS A 55 -10.12 17.20 -6.60
C LYS A 55 -10.60 15.87 -7.14
N ALA A 56 -11.71 15.92 -7.90
CA ALA A 56 -12.24 14.70 -8.50
C ALA A 56 -11.20 13.98 -9.33
N ARG A 57 -10.24 14.72 -9.92
CA ARG A 57 -9.25 14.06 -10.74
C ARG A 57 -8.29 13.20 -9.93
N ASP A 58 -8.31 13.30 -8.60
CA ASP A 58 -7.40 12.54 -7.75
C ASP A 58 -7.96 11.16 -7.40
N ILE A 59 -9.16 10.85 -7.86
CA ILE A 59 -9.70 9.51 -7.77
C ILE A 59 -9.70 8.95 -9.19
N LYS A 60 -8.83 7.98 -9.45
CA LYS A 60 -8.40 7.61 -10.79
C LYS A 60 -8.82 6.19 -11.11
N GLN A 61 -9.09 5.94 -12.38
CA GLN A 61 -9.20 4.60 -12.92
C GLN A 61 -8.03 4.41 -13.87
N CYS A 62 -7.11 3.53 -13.52
CA CYS A 62 -6.04 3.22 -14.46
C CYS A 62 -6.63 2.52 -15.67
N ASP A 63 -6.00 2.72 -16.83
CA ASP A 63 -6.46 2.01 -18.01
C ASP A 63 -6.39 0.50 -17.75
N ASP A 64 -7.25 -0.24 -18.45
CA ASP A 64 -7.50 -1.63 -18.13
C ASP A 64 -6.22 -2.46 -18.07
N GLU A 65 -5.25 -2.15 -18.92
CA GLU A 65 -4.05 -2.99 -18.99
C GLU A 65 -3.13 -2.75 -17.78
N ARG A 66 -3.06 -1.52 -17.28
CA ARG A 66 -2.27 -1.26 -16.08
C ARG A 66 -2.99 -1.78 -14.84
N LEU A 67 -4.30 -1.60 -14.77
CA LEU A 67 -5.05 -2.09 -13.62
C LEU A 67 -5.03 -3.62 -13.56
N LYS A 68 -4.86 -4.27 -14.72
CA LYS A 68 -4.76 -5.73 -14.74
C LYS A 68 -3.45 -6.19 -14.12
N ARG A 69 -2.35 -5.50 -14.40
CA ARG A 69 -1.09 -5.80 -13.72
C ARG A 69 -1.18 -5.48 -12.23
N LYS A 70 -1.81 -4.37 -11.88
CA LYS A 70 -1.86 -3.93 -10.49
C LYS A 70 -2.69 -4.89 -9.65
N ILE A 71 -3.71 -5.50 -10.25
CA ILE A 71 -4.49 -6.51 -9.55
C ILE A 71 -3.69 -7.80 -9.43
N MET A 72 -3.02 -8.21 -10.50
CA MET A 72 -2.22 -9.43 -10.46
C MET A 72 -1.13 -9.32 -9.41
N GLU A 73 -0.46 -8.17 -9.32
CA GLU A 73 0.55 -7.99 -8.29
C GLU A 73 -0.07 -8.01 -6.90
N LEU A 74 -1.27 -7.43 -6.75
CA LEU A 74 -1.97 -7.46 -5.48
C LEU A 74 -2.28 -8.88 -5.03
N SER A 75 -2.46 -9.79 -5.98
CA SER A 75 -2.81 -11.17 -5.65
C SER A 75 -1.75 -11.84 -4.80
N GLU A 76 -0.54 -11.27 -4.73
CA GLU A 76 0.55 -11.84 -3.95
C GLU A 76 0.96 -10.95 -2.79
N ARG A 77 0.07 -10.06 -2.34
CA ARG A 77 0.27 -9.33 -1.09
C ARG A 77 -0.89 -9.60 -0.12
N THR A 78 -1.49 -10.79 -0.20
CA THR A 78 -2.68 -11.11 0.57
C THR A 78 -2.38 -11.49 2.01
N ASP A 79 -1.22 -12.11 2.27
CA ASP A 79 -0.98 -12.67 3.60
C ASP A 79 -0.84 -11.60 4.68
N LYS A 80 -0.48 -10.37 4.32
CA LYS A 80 -0.42 -9.28 5.28
C LYS A 80 -1.49 -8.23 5.01
N MET A 81 -2.48 -8.59 4.21
CA MET A 81 -3.56 -7.71 3.81
C MET A 81 -4.57 -7.53 4.94
N PRO A 82 -4.98 -6.29 5.25
CA PRO A 82 -5.98 -6.08 6.30
C PRO A 82 -7.26 -6.87 6.03
N ILE A 83 -7.90 -7.32 7.13
CA ILE A 83 -9.11 -8.12 7.02
C ILE A 83 -10.19 -7.36 6.27
N LEU A 84 -10.34 -6.08 6.60
CA LEU A 84 -11.35 -5.27 5.93
C LEU A 84 -11.12 -5.20 4.42
N ILE A 85 -9.86 -5.21 3.99
CA ILE A 85 -9.56 -5.20 2.56
C ILE A 85 -9.82 -6.56 1.93
N LYS A 86 -9.44 -7.66 2.62
CA LYS A 86 -9.78 -8.98 2.12
C LYS A 86 -11.29 -9.11 1.93
N GLU A 87 -12.07 -8.56 2.86
CA GLU A 87 -13.52 -8.64 2.76
C GLU A 87 -14.02 -7.88 1.55
N MET A 88 -13.52 -6.66 1.34
CA MET A 88 -13.86 -5.89 0.15
CA MET A 88 -13.87 -5.90 0.15
C MET A 88 -13.56 -6.70 -1.12
N LEU A 89 -12.35 -7.26 -1.18
CA LEU A 89 -11.95 -8.01 -2.38
C LEU A 89 -12.78 -9.26 -2.53
N ASN A 90 -13.13 -9.90 -1.41
CA ASN A 90 -14.01 -11.07 -1.46
C ASN A 90 -15.35 -10.70 -2.10
N VAL A 91 -15.91 -9.56 -1.70
CA VAL A 91 -17.17 -9.07 -2.26
C VAL A 91 -17.00 -8.80 -3.76
N ILE A 92 -15.94 -8.06 -4.13
CA ILE A 92 -15.74 -7.68 -5.53
C ILE A 92 -15.54 -8.92 -6.39
N THR A 93 -14.78 -9.89 -5.90
CA THR A 93 -14.55 -11.09 -6.71
C THR A 93 -15.78 -11.99 -6.72
N SER A 94 -16.56 -12.01 -5.64
CA SER A 94 -17.79 -12.81 -5.63
C SER A 94 -18.87 -12.21 -6.50
N GLU A 95 -18.83 -10.90 -6.75
CA GLU A 95 -19.89 -10.24 -7.49
C GLU A 95 -19.67 -10.34 -8.99
N LEU A 96 -18.41 -10.20 -9.43
CA LEU A 96 -18.06 -10.32 -10.85
C LEU A 96 -17.81 -11.77 -11.25
N MET B 1 -27.98 7.42 -1.18
CA MET B 1 -27.59 8.77 -0.79
C MET B 1 -27.09 8.84 0.65
N LEU B 2 -25.76 8.79 0.80
CA LEU B 2 -25.15 9.08 2.09
C LEU B 2 -25.06 10.59 2.27
N PRO B 3 -25.07 11.06 3.52
CA PRO B 3 -24.91 12.50 3.74
C PRO B 3 -23.51 12.95 3.37
N LYS B 4 -23.39 13.77 2.32
CA LYS B 4 -22.06 14.11 1.82
C LYS B 4 -21.24 14.88 2.86
N ALA B 5 -21.91 15.61 3.75
CA ALA B 5 -21.20 16.36 4.78
C ALA B 5 -20.48 15.44 5.76
N THR B 6 -21.10 14.31 6.13
CA THR B 6 -20.45 13.46 7.11
C THR B 6 -19.36 12.59 6.47
N VAL B 7 -19.50 12.25 5.19
CA VAL B 7 -18.42 11.55 4.50
C VAL B 7 -17.19 12.46 4.39
N LYS B 8 -17.38 13.73 4.03
CA LYS B 8 -16.25 14.65 3.96
C LYS B 8 -15.62 14.83 5.33
N ARG B 9 -16.43 14.87 6.37
CA ARG B 9 -15.89 14.96 7.73
C ARG B 9 -14.99 13.78 8.06
N ILE B 10 -15.39 12.56 7.68
CA ILE B 10 -14.52 11.40 7.87
C ILE B 10 -13.25 11.53 7.03
N MET B 11 -13.37 12.03 5.79
CA MET B 11 -12.18 12.22 4.97
C MET B 11 -11.16 13.10 5.67
N LYS B 12 -11.62 14.17 6.32
CA LYS B 12 -10.70 15.13 6.93
C LYS B 12 -10.02 14.59 8.17
N GLN B 13 -10.41 13.41 8.66
CA GLN B 13 -9.67 12.73 9.70
C GLN B 13 -8.42 12.03 9.17
N HIS B 14 -8.21 12.04 7.85
CA HIS B 14 -7.11 11.35 7.22
C HIS B 14 -6.32 12.21 6.26
N THR B 15 -6.69 13.47 6.09
CA THR B 15 -5.89 14.37 5.26
C THR B 15 -6.00 15.78 5.82
N ASP B 16 -4.91 16.54 5.71
CA ASP B 16 -4.92 17.96 6.01
C ASP B 16 -5.34 18.82 4.81
N PHE B 17 -5.47 18.23 3.63
CA PHE B 17 -5.78 19.00 2.44
C PHE B 17 -7.24 19.46 2.44
N ASN B 18 -7.49 20.56 1.73
CA ASN B 18 -8.86 20.87 1.31
C ASN B 18 -9.40 19.73 0.45
N ILE B 19 -10.73 19.68 0.33
CA ILE B 19 -11.42 18.64 -0.44
C ILE B 19 -12.58 19.28 -1.19
N SER B 20 -12.59 19.15 -2.52
CA SER B 20 -13.65 19.75 -3.33
C SER B 20 -14.95 18.96 -3.20
N ALA B 21 -16.06 19.63 -3.53
CA ALA B 21 -17.36 18.97 -3.54
C ALA B 21 -17.37 17.78 -4.50
N GLU B 22 -16.73 17.93 -5.67
CA GLU B 22 -16.80 16.86 -6.66
C GLU B 22 -16.02 15.63 -6.21
N ALA B 23 -14.93 15.82 -5.46
CA ALA B 23 -14.22 14.69 -4.88
C ALA B 23 -15.09 13.96 -3.87
N VAL B 24 -15.77 14.71 -2.99
CA VAL B 24 -16.66 14.08 -2.01
C VAL B 24 -17.74 13.28 -2.72
N ASP B 25 -18.33 13.86 -3.78
CA ASP B 25 -19.37 13.18 -4.54
C ASP B 25 -18.86 11.86 -5.10
N GLU B 26 -17.66 11.87 -5.68
CA GLU B 26 -17.08 10.67 -6.27
C GLU B 26 -16.94 9.57 -5.22
N LEU B 27 -16.31 9.89 -4.09
CA LEU B 27 -16.20 8.91 -3.02
C LEU B 27 -17.57 8.41 -2.58
N CYS B 28 -18.56 9.30 -2.46
CA CYS B 28 -19.89 8.85 -2.07
C CYS B 28 -20.47 7.87 -3.07
N ASN B 29 -20.28 8.13 -4.37
CA ASN B 29 -20.68 7.16 -5.38
C ASN B 29 -20.02 5.80 -5.13
N MET B 30 -18.71 5.79 -4.85
CA MET B 30 -18.01 4.56 -4.55
C MET B 30 -18.60 3.87 -3.36
N LEU B 31 -18.89 4.63 -2.29
CA LEU B 31 -19.45 4.04 -1.08
C LEU B 31 -20.81 3.41 -1.36
N GLU B 32 -21.67 4.11 -2.09
CA GLU B 32 -22.99 3.57 -2.41
C GLU B 32 -22.86 2.29 -3.23
N GLU B 33 -21.90 2.24 -4.15
CA GLU B 33 -21.67 1.00 -4.90
C GLU B 33 -21.20 -0.12 -4.00
N ILE B 34 -20.30 0.18 -3.06
CA ILE B 34 -19.84 -0.84 -2.11
C ILE B 34 -20.99 -1.35 -1.26
N ILE B 35 -21.86 -0.46 -0.79
CA ILE B 35 -23.02 -0.91 -0.04
C ILE B 35 -23.84 -1.88 -0.87
N LYS B 36 -24.07 -1.54 -2.15
CA LYS B 36 -24.87 -2.38 -3.01
C LYS B 36 -24.26 -3.75 -3.19
N ILE B 37 -22.98 -3.81 -3.54
CA ILE B 37 -22.47 -5.12 -3.92
C ILE B 37 -22.19 -5.97 -2.68
N THR B 38 -21.81 -5.34 -1.55
CA THR B 38 -21.63 -6.07 -0.30
C THR B 38 -22.94 -6.70 0.15
N THR B 39 -24.05 -5.96 0.05
CA THR B 39 -25.35 -6.49 0.44
C THR B 39 -25.79 -7.60 -0.51
N GLU B 40 -25.56 -7.42 -1.81
CA GLU B 40 -25.99 -8.42 -2.78
C GLU B 40 -25.23 -9.73 -2.59
N VAL B 41 -23.91 -9.64 -2.36
CA VAL B 41 -23.12 -10.83 -2.09
C VAL B 41 -23.52 -11.45 -0.76
N ALA B 42 -23.72 -10.61 0.27
CA ALA B 42 -24.18 -11.09 1.56
C ALA B 42 -25.49 -11.89 1.45
N GLU B 43 -26.46 -11.38 0.68
CA GLU B 43 -27.72 -12.10 0.53
C GLU B 43 -27.50 -13.47 -0.10
N GLN B 44 -26.58 -13.56 -1.07
CA GLN B 44 -26.30 -14.84 -1.73
C GLN B 44 -25.69 -15.83 -0.75
N ASN B 45 -24.76 -15.39 0.09
CA ASN B 45 -24.19 -16.25 1.12
C ASN B 45 -25.25 -16.66 2.14
N ALA B 46 -26.16 -15.76 2.48
CA ALA B 46 -27.26 -16.13 3.35
C ALA B 46 -28.12 -17.22 2.71
N ARG B 47 -28.43 -17.05 1.42
CA ARG B 47 -29.23 -18.03 0.70
C ARG B 47 -28.54 -19.39 0.63
N LYS B 48 -27.23 -19.40 0.35
CA LYS B 48 -26.52 -20.66 0.24
C LYS B 48 -26.66 -21.50 1.51
N GLU B 49 -26.87 -20.85 2.66
CA GLU B 49 -27.02 -21.53 3.94
C GLU B 49 -28.47 -21.60 4.40
N GLY B 50 -29.40 -21.23 3.54
CA GLY B 50 -30.82 -21.40 3.82
C GLY B 50 -31.41 -20.35 4.72
N ARG B 51 -30.82 -19.17 4.80
CA ARG B 51 -31.31 -18.15 5.71
C ARG B 51 -31.97 -17.00 4.95
N LYS B 52 -32.83 -16.28 5.66
CA LYS B 52 -33.45 -15.07 5.15
C LYS B 52 -33.03 -13.85 5.96
N THR B 53 -31.90 -13.96 6.66
CA THR B 53 -31.30 -12.88 7.44
C THR B 53 -29.82 -12.79 7.08
N ILE B 54 -29.36 -11.59 6.77
CA ILE B 54 -27.95 -11.33 6.55
C ILE B 54 -27.28 -11.22 7.91
N LYS B 55 -26.28 -12.05 8.15
CA LYS B 55 -25.51 -12.01 9.39
C LYS B 55 -24.06 -11.68 9.08
N ALA B 56 -23.29 -11.40 10.14
CA ALA B 56 -21.89 -10.99 9.95
C ALA B 56 -21.08 -12.03 9.19
N ARG B 57 -21.42 -13.31 9.37
CA ARG B 57 -20.76 -14.40 8.65
C ARG B 57 -20.89 -14.28 7.14
N ASP B 58 -21.92 -13.57 6.65
CA ASP B 58 -22.13 -13.43 5.21
C ASP B 58 -21.24 -12.35 4.60
N ILE B 59 -20.60 -11.53 5.43
CA ILE B 59 -19.55 -10.63 4.99
C ILE B 59 -18.26 -11.33 5.39
N LYS B 60 -17.66 -12.03 4.45
CA LYS B 60 -16.77 -13.14 4.75
C LYS B 60 -15.44 -12.99 4.04
N GLN B 61 -14.44 -13.64 4.61
CA GLN B 61 -13.19 -13.94 3.93
C GLN B 61 -13.06 -15.44 3.87
N CYS B 62 -12.63 -15.95 2.72
CA CYS B 62 -12.34 -17.37 2.59
C CYS B 62 -10.94 -17.61 3.12
N ASP B 63 -10.12 -18.36 2.37
CA ASP B 63 -8.72 -18.48 2.70
C ASP B 63 -7.93 -17.47 1.91
N ASP B 64 -6.68 -17.26 2.33
CA ASP B 64 -5.74 -16.55 1.48
C ASP B 64 -5.45 -17.32 0.20
N GLU B 65 -5.80 -18.62 0.17
CA GLU B 65 -5.59 -19.42 -1.03
C GLU B 65 -6.70 -19.21 -2.05
N ARG B 66 -7.96 -19.26 -1.61
CA ARG B 66 -9.06 -19.03 -2.54
C ARG B 66 -9.14 -17.57 -2.96
N LEU B 67 -8.86 -16.66 -2.02
CA LEU B 67 -8.86 -15.23 -2.35
C LEU B 67 -7.80 -14.92 -3.41
N LYS B 68 -6.59 -15.46 -3.23
CA LYS B 68 -5.52 -15.26 -4.21
C LYS B 68 -5.96 -15.71 -5.60
N ARG B 69 -6.66 -16.84 -5.69
CA ARG B 69 -7.10 -17.33 -6.99
C ARG B 69 -8.15 -16.40 -7.61
N LYS B 70 -9.08 -15.89 -6.80
CA LYS B 70 -10.14 -15.03 -7.34
C LYS B 70 -9.60 -13.66 -7.73
N ILE B 71 -8.54 -13.19 -7.06
CA ILE B 71 -7.92 -11.92 -7.42
C ILE B 71 -7.18 -12.06 -8.74
N MET B 72 -6.53 -13.21 -8.95
CA MET B 72 -5.94 -13.50 -10.25
C MET B 72 -7.00 -13.49 -11.34
N GLU B 73 -8.08 -14.25 -11.14
CA GLU B 73 -9.14 -14.31 -12.16
C GLU B 73 -9.84 -12.98 -12.32
N LEU B 74 -9.87 -12.17 -11.26
CA LEU B 74 -10.40 -10.81 -11.38
C LEU B 74 -9.57 -9.98 -12.36
N SER B 75 -8.25 -10.18 -12.37
CA SER B 75 -7.38 -9.40 -13.23
C SER B 75 -7.76 -9.54 -14.71
N GLU B 76 -8.33 -10.68 -15.08
CA GLU B 76 -8.74 -10.90 -16.46
C GLU B 76 -10.16 -10.42 -16.75
N ARG B 77 -10.77 -9.65 -15.84
CA ARG B 77 -12.16 -9.25 -15.98
C ARG B 77 -12.31 -7.73 -15.93
N THR B 78 -11.30 -6.98 -16.37
CA THR B 78 -11.38 -5.52 -16.36
C THR B 78 -12.50 -5.01 -17.28
N ASP B 79 -12.81 -5.75 -18.35
CA ASP B 79 -13.72 -5.24 -19.37
C ASP B 79 -15.16 -5.18 -18.87
N LYS B 80 -15.54 -6.08 -17.95
CA LYS B 80 -16.87 -6.05 -17.36
C LYS B 80 -16.91 -5.26 -16.07
N MET B 81 -15.80 -4.62 -15.70
CA MET B 81 -15.73 -3.86 -14.45
C MET B 81 -16.34 -2.49 -14.63
N PRO B 82 -17.36 -2.11 -13.85
CA PRO B 82 -17.82 -0.73 -13.85
C PRO B 82 -16.77 0.22 -13.30
N ILE B 83 -16.87 1.48 -13.73
CA ILE B 83 -15.85 2.48 -13.38
C ILE B 83 -15.65 2.55 -11.88
N LEU B 84 -16.73 2.48 -11.11
CA LEU B 84 -16.63 2.63 -9.65
C LEU B 84 -15.83 1.48 -9.03
N ILE B 85 -16.00 0.26 -9.56
CA ILE B 85 -15.21 -0.88 -9.10
C ILE B 85 -13.74 -0.71 -9.49
N LYS B 86 -13.50 -0.19 -10.69
CA LYS B 86 -12.13 0.09 -11.12
C LYS B 86 -11.46 1.11 -10.19
N GLU B 87 -12.20 2.14 -9.79
CA GLU B 87 -11.61 3.13 -8.91
C GLU B 87 -11.33 2.55 -7.53
N MET B 88 -12.24 1.71 -7.03
CA MET B 88 -11.98 1.03 -5.78
CA MET B 88 -11.99 1.00 -5.77
C MET B 88 -10.71 0.18 -5.86
N LEU B 89 -10.60 -0.64 -6.91
CA LEU B 89 -9.43 -1.48 -7.08
C LEU B 89 -8.18 -0.66 -7.33
N ASN B 90 -8.30 0.48 -8.01
CA ASN B 90 -7.12 1.34 -8.17
C ASN B 90 -6.66 1.87 -6.82
N VAL B 91 -7.60 2.27 -5.98
CA VAL B 91 -7.28 2.73 -4.64
C VAL B 91 -6.61 1.61 -3.84
N ILE B 92 -7.20 0.41 -3.86
CA ILE B 92 -6.65 -0.69 -3.07
C ILE B 92 -5.25 -1.08 -3.52
N THR B 93 -5.00 -1.07 -4.83
CA THR B 93 -3.68 -1.41 -5.35
C THR B 93 -2.70 -0.23 -5.32
N SER B 94 -3.17 0.99 -5.09
CA SER B 94 -2.26 2.11 -4.90
C SER B 94 -1.85 2.26 -3.44
N GLU B 95 -2.75 1.95 -2.51
CA GLU B 95 -2.52 2.11 -1.09
C GLU B 95 -1.71 0.93 -0.55
N LEU B 96 -2.37 0.05 0.20
CA LEU B 96 -1.70 -1.03 0.91
C LEU B 96 -2.45 -2.34 0.79
N MET C 1 7.80 -7.42 -12.22
CA MET C 1 8.42 -7.37 -10.90
C MET C 1 9.82 -7.98 -10.92
N LEU C 2 10.52 -7.87 -9.80
CA LEU C 2 11.86 -8.45 -9.71
C LEU C 2 11.77 -9.96 -9.60
N PRO C 3 12.61 -10.70 -10.31
CA PRO C 3 12.53 -12.15 -10.26
C PRO C 3 13.00 -12.68 -8.91
N LYS C 4 12.24 -13.63 -8.35
CA LYS C 4 12.51 -14.11 -7.01
C LYS C 4 13.89 -14.76 -6.92
N ALA C 5 14.31 -15.45 -7.98
CA ALA C 5 15.60 -16.14 -7.95
C ALA C 5 16.76 -15.15 -7.91
N THR C 6 16.61 -14.00 -8.56
CA THR C 6 17.66 -13.00 -8.56
C THR C 6 17.83 -12.39 -7.17
N VAL C 7 16.72 -12.03 -6.52
CA VAL C 7 16.81 -11.44 -5.19
C VAL C 7 17.35 -12.45 -4.17
N LYS C 8 16.95 -13.72 -4.30
CA LYS C 8 17.50 -14.75 -3.41
C LYS C 8 19.01 -14.91 -3.64
N ARG C 9 19.42 -14.95 -4.91
CA ARG C 9 20.84 -15.00 -5.26
C ARG C 9 21.64 -13.88 -4.58
N ILE C 10 21.10 -12.66 -4.57
CA ILE C 10 21.81 -11.55 -3.96
C ILE C 10 21.80 -11.68 -2.45
N MET C 11 20.70 -12.17 -1.87
CA MET C 11 20.68 -12.44 -0.44
C MET C 11 21.78 -13.41 -0.04
N LYS C 12 21.96 -14.50 -0.80
CA LYS C 12 22.95 -15.52 -0.45
C LYS C 12 24.38 -15.03 -0.61
N GLN C 13 24.59 -13.84 -1.13
CA GLN C 13 25.89 -13.21 -1.06
C GLN C 13 26.20 -12.64 0.32
N HIS C 14 25.20 -12.50 1.19
CA HIS C 14 25.40 -11.89 2.49
C HIS C 14 25.08 -12.82 3.65
N THR C 15 24.69 -14.06 3.36
CA THR C 15 24.42 -15.05 4.39
C THR C 15 24.68 -16.44 3.81
N ASP C 16 25.14 -17.34 4.67
CA ASP C 16 25.25 -18.75 4.35
C ASP C 16 24.01 -19.54 4.76
N PHE C 17 23.05 -18.88 5.42
CA PHE C 17 21.83 -19.52 5.89
C PHE C 17 20.93 -19.92 4.72
N ASN C 18 20.12 -20.96 4.93
CA ASN C 18 19.03 -21.18 4.00
C ASN C 18 18.03 -20.04 4.11
N ILE C 19 17.25 -19.85 3.05
CA ILE C 19 16.25 -18.78 3.00
C ILE C 19 14.93 -19.35 2.48
N SER C 20 13.85 -19.18 3.24
CA SER C 20 12.55 -19.69 2.81
C SER C 20 11.99 -18.86 1.65
N ALA C 21 11.15 -19.50 0.83
CA ALA C 21 10.50 -18.78 -0.26
C ALA C 21 9.70 -17.60 0.27
N GLU C 22 9.05 -17.76 1.43
CA GLU C 22 8.27 -16.67 2.00
C GLU C 22 9.15 -15.49 2.41
N ALA C 23 10.36 -15.76 2.91
CA ALA C 23 11.30 -14.67 3.22
C ALA C 23 11.70 -13.93 1.95
N VAL C 24 12.08 -14.66 0.90
CA VAL C 24 12.43 -14.02 -0.36
C VAL C 24 11.30 -13.13 -0.84
N ASP C 25 10.07 -13.63 -0.79
CA ASP C 25 8.93 -12.86 -1.26
C ASP C 25 8.75 -11.58 -0.45
N GLU C 26 8.90 -11.67 0.86
CA GLU C 26 8.73 -10.48 1.67
C GLU C 26 9.73 -9.41 1.28
N LEU C 27 10.99 -9.79 1.06
CA LEU C 27 11.97 -8.80 0.63
C LEU C 27 11.60 -8.26 -0.76
N CYS C 28 11.18 -9.14 -1.67
CA CYS C 28 10.74 -8.65 -2.99
C CYS C 28 9.64 -7.60 -2.87
N ASN C 29 8.67 -7.83 -1.97
CA ASN C 29 7.62 -6.84 -1.78
C ASN C 29 8.19 -5.51 -1.29
N MET C 30 9.16 -5.57 -0.36
CA MET C 30 9.83 -4.36 0.11
C MET C 30 10.55 -3.64 -1.03
N LEU C 31 11.26 -4.39 -1.87
CA LEU C 31 12.02 -3.74 -2.95
C LEU C 31 11.09 -3.07 -3.95
N GLU C 32 9.96 -3.71 -4.27
CA GLU C 32 8.97 -3.11 -5.18
C GLU C 32 8.43 -1.82 -4.61
N GLU C 33 8.14 -1.78 -3.30
CA GLU C 33 7.69 -0.54 -2.69
C GLU C 33 8.77 0.53 -2.76
N ILE C 34 10.02 0.13 -2.59
CA ILE C 34 11.13 1.09 -2.67
C ILE C 34 11.26 1.64 -4.08
N ILE C 35 11.25 0.77 -5.09
CA ILE C 35 11.29 1.28 -6.47
C ILE C 35 10.16 2.27 -6.68
N LYS C 36 8.99 1.98 -6.12
CA LYS C 36 7.82 2.82 -6.37
C LYS C 36 7.98 4.19 -5.71
N ILE C 37 8.31 4.24 -4.41
CA ILE C 37 8.31 5.54 -3.76
C ILE C 37 9.53 6.35 -4.21
N THR C 38 10.64 5.68 -4.53
CA THR C 38 11.80 6.40 -5.03
C THR C 38 11.49 7.04 -6.39
N THR C 39 10.73 6.33 -7.24
CA THR C 39 10.42 6.88 -8.55
C THR C 39 9.47 8.06 -8.44
N GLU C 40 8.46 7.94 -7.57
CA GLU C 40 7.48 9.02 -7.38
C GLU C 40 8.12 10.29 -6.86
N VAL C 41 8.99 10.17 -5.85
CA VAL C 41 9.71 11.33 -5.32
C VAL C 41 10.65 11.89 -6.38
N ALA C 42 11.38 11.00 -7.07
CA ALA C 42 12.28 11.45 -8.13
C ALA C 42 11.55 12.26 -9.20
N GLU C 43 10.38 11.79 -9.65
CA GLU C 43 9.59 12.57 -10.60
C GLU C 43 9.22 13.92 -10.01
N GLN C 44 8.87 13.96 -8.72
CA GLN C 44 8.53 15.23 -8.11
C GLN C 44 9.71 16.19 -8.13
N ASN C 45 10.91 15.70 -7.78
CA ASN C 45 12.09 16.56 -7.85
C ASN C 45 12.35 17.03 -9.27
N ALA C 46 12.16 16.14 -10.25
CA ALA C 46 12.34 16.55 -11.64
C ALA C 46 11.35 17.64 -12.01
N ARG C 47 10.09 17.50 -11.57
CA ARG C 47 9.05 18.47 -11.92
C ARG C 47 9.37 19.85 -11.36
N LYS C 48 9.87 19.90 -10.12
CA LYS C 48 10.16 21.17 -9.50
C LYS C 48 11.24 21.94 -10.25
N GLU C 49 12.10 21.23 -11.00
CA GLU C 49 13.16 21.84 -11.79
C GLU C 49 12.80 21.97 -13.26
N GLY C 50 11.54 21.77 -13.62
CA GLY C 50 11.09 22.01 -14.99
C GLY C 50 11.34 20.86 -15.95
N ARG C 51 11.76 19.70 -15.47
CA ARG C 51 12.19 18.63 -16.36
C ARG C 51 11.13 17.54 -16.48
N LYS C 52 11.20 16.80 -17.59
CA LYS C 52 10.43 15.58 -17.79
C LYS C 52 11.33 14.36 -17.91
N THR C 53 12.55 14.46 -17.41
CA THR C 53 13.49 13.35 -17.37
C THR C 53 13.99 13.23 -15.93
N ILE C 54 13.94 12.01 -15.39
CA ILE C 54 14.47 11.76 -14.05
C ILE C 54 15.99 11.61 -14.13
N LYS C 55 16.70 12.39 -13.34
CA LYS C 55 18.15 12.38 -13.35
C LYS C 55 18.65 11.92 -11.98
N ALA C 56 19.93 11.57 -11.92
CA ALA C 56 20.51 11.09 -10.67
C ALA C 56 20.34 12.11 -9.56
N ARG C 57 20.36 13.40 -9.91
CA ARG C 57 20.15 14.46 -8.92
C ARG C 57 18.78 14.41 -8.26
N ASP C 58 17.81 13.75 -8.90
CA ASP C 58 16.47 13.67 -8.34
C ASP C 58 16.35 12.61 -7.24
N ILE C 59 17.36 11.78 -7.10
CA ILE C 59 17.55 10.91 -5.95
C ILE C 59 18.68 11.55 -5.15
N LYS C 60 18.35 12.25 -4.07
CA LYS C 60 19.29 13.19 -3.48
C LYS C 60 19.43 12.98 -1.98
N GLN C 61 20.32 13.77 -1.39
CA GLN C 61 20.54 13.80 0.05
C GLN C 61 20.26 15.22 0.53
N CYS C 62 19.07 15.46 1.07
CA CYS C 62 18.87 16.60 1.94
C CYS C 62 19.93 16.56 3.03
N ASP C 63 20.55 17.70 3.28
CA ASP C 63 21.71 17.72 4.16
C ASP C 63 21.33 17.20 5.55
N ASP C 64 22.36 16.83 6.31
CA ASP C 64 22.16 16.20 7.60
C ASP C 64 21.41 17.08 8.59
N GLU C 65 21.33 18.39 8.35
CA GLU C 65 20.46 19.24 9.15
C GLU C 65 19.00 18.98 8.82
N ARG C 66 18.64 19.09 7.54
CA ARG C 66 17.31 18.69 7.11
C ARG C 66 17.00 17.27 7.55
N LEU C 67 17.92 16.33 7.28
CA LEU C 67 17.60 14.92 7.46
C LEU C 67 17.41 14.58 8.93
N LYS C 68 18.32 15.03 9.80
CA LYS C 68 18.15 14.81 11.23
C LYS C 68 16.76 15.23 11.69
N ARG C 69 16.30 16.38 11.21
CA ARG C 69 14.99 16.90 11.60
C ARG C 69 13.85 16.08 10.98
N LYS C 70 13.98 15.73 9.69
CA LYS C 70 12.91 15.01 9.03
C LYS C 70 12.72 13.62 9.62
N ILE C 71 13.80 12.98 10.06
CA ILE C 71 13.71 11.69 10.73
C ILE C 71 12.98 11.84 12.07
N MET C 72 13.24 12.94 12.79
CA MET C 72 12.54 13.21 14.04
C MET C 72 11.03 13.24 13.86
N GLU C 73 10.57 13.97 12.84
CA GLU C 73 9.13 14.07 12.57
C GLU C 73 8.56 12.73 12.12
N LEU C 74 9.34 11.94 11.39
CA LEU C 74 8.88 10.63 10.94
C LEU C 74 8.60 9.71 12.12
N SER C 75 9.38 9.84 13.20
CA SER C 75 9.23 8.97 14.36
C SER C 75 7.88 9.16 15.06
N GLU C 76 7.28 10.34 14.92
CA GLU C 76 5.98 10.59 15.53
C GLU C 76 4.83 9.96 14.75
N ARG C 77 5.06 9.60 13.48
CA ARG C 77 4.02 9.14 12.56
C ARG C 77 4.05 7.64 12.34
N THR C 78 4.31 6.84 13.38
CA THR C 78 4.33 5.39 13.19
C THR C 78 2.92 4.82 12.96
N ASP C 79 1.90 5.48 13.50
CA ASP C 79 0.52 5.02 13.31
C ASP C 79 0.11 5.05 11.84
N LYS C 80 0.67 5.97 11.05
CA LYS C 80 0.28 6.16 9.67
C LYS C 80 1.21 5.46 8.69
N MET C 81 2.06 4.53 9.18
CA MET C 81 3.05 3.96 8.28
C MET C 81 2.55 2.69 7.61
N PRO C 82 2.79 2.59 6.30
CA PRO C 82 2.60 1.31 5.60
C PRO C 82 3.53 0.23 6.17
N ILE C 83 3.04 -1.00 6.13
CA ILE C 83 3.79 -2.13 6.68
C ILE C 83 5.18 -2.21 6.07
N LEU C 84 5.25 -2.15 4.73
CA LEU C 84 6.54 -2.30 4.05
C LEU C 84 7.52 -1.21 4.47
N ILE C 85 7.03 0.02 4.63
CA ILE C 85 7.87 1.11 5.13
C ILE C 85 8.32 0.80 6.56
N LYS C 86 7.38 0.35 7.39
CA LYS C 86 7.69 -0.03 8.77
C LYS C 86 8.81 -1.06 8.80
N GLU C 87 8.74 -2.04 7.89
CA GLU C 87 9.77 -3.08 7.85
C GLU C 87 11.10 -2.51 7.37
N MET C 88 11.05 -1.64 6.35
CA MET C 88 12.26 -0.95 5.90
CA MET C 88 12.27 -1.00 5.90
C MET C 88 12.92 -0.22 7.05
N LEU C 89 12.12 0.51 7.83
CA LEU C 89 12.67 1.33 8.89
C LEU C 89 13.16 0.48 10.06
N ASN C 90 12.49 -0.63 10.34
CA ASN C 90 13.00 -1.55 11.36
C ASN C 90 14.36 -2.08 10.96
N VAL C 91 14.52 -2.50 9.71
CA VAL C 91 15.80 -2.99 9.21
C VAL C 91 16.88 -1.89 9.33
N ILE C 92 16.56 -0.67 8.90
CA ILE C 92 17.54 0.41 8.94
C ILE C 92 17.95 0.75 10.37
N THR C 93 16.98 0.79 11.29
CA THR C 93 17.30 1.12 12.67
C THR C 93 17.85 -0.05 13.47
N SER C 94 17.76 -1.27 12.95
CA SER C 94 18.38 -2.40 13.63
C SER C 94 19.85 -2.48 13.29
N GLU C 95 20.18 -2.36 12.00
CA GLU C 95 21.56 -2.43 11.51
C GLU C 95 22.38 -1.23 11.96
N LEU C 96 22.68 -1.16 13.26
CA LEU C 96 23.48 -0.06 13.80
C LEU C 96 24.71 -0.59 14.53
N MET D 1 24.29 -7.51 -8.22
CA MET D 1 23.89 -7.10 -9.55
C MET D 1 22.41 -7.40 -9.86
N LEU D 2 21.56 -6.43 -9.63
CA LEU D 2 20.20 -6.47 -10.11
C LEU D 2 20.13 -6.07 -11.59
N PRO D 3 19.23 -6.65 -12.36
CA PRO D 3 19.09 -6.26 -13.78
C PRO D 3 18.56 -4.84 -13.90
N LYS D 4 19.38 -3.95 -14.46
CA LYS D 4 19.02 -2.54 -14.56
C LYS D 4 17.85 -2.32 -15.53
N ALA D 5 17.80 -3.06 -16.64
CA ALA D 5 16.65 -2.93 -17.52
C ALA D 5 15.35 -3.29 -16.82
N THR D 6 15.37 -4.30 -15.92
CA THR D 6 14.18 -4.65 -15.16
C THR D 6 13.84 -3.60 -14.11
N VAL D 7 14.84 -3.09 -13.40
CA VAL D 7 14.56 -2.00 -12.47
C VAL D 7 13.95 -0.82 -13.21
N LYS D 8 14.50 -0.49 -14.39
CA LYS D 8 13.97 0.66 -15.12
C LYS D 8 12.56 0.37 -15.61
N ARG D 9 12.31 -0.85 -16.09
CA ARG D 9 10.95 -1.23 -16.45
C ARG D 9 9.98 -1.01 -15.30
N ILE D 10 10.36 -1.41 -14.09
CA ILE D 10 9.47 -1.20 -12.96
C ILE D 10 9.33 0.29 -12.65
N MET D 11 10.42 1.04 -12.78
CA MET D 11 10.30 2.48 -12.57
C MET D 11 9.28 3.09 -13.53
N LYS D 12 9.25 2.64 -14.78
CA LYS D 12 8.35 3.18 -15.80
C LYS D 12 6.89 2.81 -15.55
N GLN D 13 6.62 1.87 -14.64
CA GLN D 13 5.25 1.59 -14.26
C GLN D 13 4.71 2.63 -13.28
N HIS D 14 5.54 3.56 -12.82
CA HIS D 14 5.12 4.58 -11.87
C HIS D 14 5.40 5.99 -12.36
N THR D 15 5.96 6.14 -13.55
CA THR D 15 6.15 7.45 -14.15
C THR D 15 6.19 7.28 -15.65
N ASP D 16 5.78 8.32 -16.38
CA ASP D 16 6.04 8.32 -17.81
C ASP D 16 7.17 9.26 -18.16
N PHE D 17 7.95 9.68 -17.16
CA PHE D 17 9.16 10.45 -17.43
C PHE D 17 10.24 9.54 -18.02
N ASN D 18 11.08 10.11 -18.87
CA ASN D 18 12.37 9.51 -19.21
C ASN D 18 13.16 9.28 -17.91
N ILE D 19 14.10 8.34 -17.96
CA ILE D 19 14.93 8.02 -16.79
C ILE D 19 16.37 7.83 -17.24
N SER D 20 17.27 8.64 -16.72
CA SER D 20 18.67 8.52 -17.12
C SER D 20 19.26 7.22 -16.60
N ALA D 21 20.27 6.72 -17.32
CA ALA D 21 20.99 5.54 -16.84
C ALA D 21 21.55 5.76 -15.45
N GLU D 22 22.04 6.97 -15.16
CA GLU D 22 22.61 7.24 -13.84
C GLU D 22 21.55 7.18 -12.75
N ALA D 23 20.32 7.61 -13.03
CA ALA D 23 19.27 7.47 -12.02
C ALA D 23 18.94 6.00 -11.77
N VAL D 24 18.96 5.18 -12.82
CA VAL D 24 18.73 3.76 -12.63
C VAL D 24 19.83 3.14 -11.78
N ASP D 25 21.09 3.45 -12.11
CA ASP D 25 22.24 2.99 -11.30
C ASP D 25 22.05 3.31 -9.82
N GLU D 26 21.62 4.53 -9.51
CA GLU D 26 21.55 4.93 -8.12
C GLU D 26 20.48 4.16 -7.37
N LEU D 27 19.31 3.97 -7.99
CA LEU D 27 18.30 3.12 -7.37
C LEU D 27 18.76 1.69 -7.24
N CYS D 28 19.39 1.14 -8.29
CA CYS D 28 19.95 -0.20 -8.17
C CYS D 28 20.92 -0.29 -7.00
N ASN D 29 21.72 0.75 -6.80
CA ASN D 29 22.63 0.80 -5.65
C ASN D 29 21.87 0.76 -4.33
N MET D 30 20.80 1.55 -4.24
CA MET D 30 19.97 1.57 -3.03
C MET D 30 19.37 0.20 -2.77
N LEU D 31 18.83 -0.43 -3.82
CA LEU D 31 18.19 -1.74 -3.66
C LEU D 31 19.19 -2.78 -3.18
N GLU D 32 20.39 -2.79 -3.77
CA GLU D 32 21.44 -3.71 -3.34
C GLU D 32 21.77 -3.50 -1.86
N GLU D 33 21.77 -2.24 -1.40
CA GLU D 33 22.07 -1.99 0.00
C GLU D 33 20.95 -2.50 0.91
N ILE D 34 19.68 -2.25 0.53
CA ILE D 34 18.56 -2.76 1.32
C ILE D 34 18.61 -4.29 1.41
N ILE D 35 18.91 -4.96 0.29
CA ILE D 35 19.01 -6.42 0.30
C ILE D 35 20.05 -6.87 1.32
N LYS D 36 21.23 -6.26 1.26
CA LYS D 36 22.32 -6.61 2.18
C LYS D 36 21.90 -6.50 3.64
N ILE D 37 21.34 -5.35 4.03
CA ILE D 37 21.10 -5.16 5.44
C ILE D 37 19.85 -5.91 5.90
N THR D 38 18.84 -6.03 5.04
CA THR D 38 17.70 -6.87 5.37
C THR D 38 18.12 -8.30 5.63
N THR D 39 19.01 -8.83 4.80
CA THR D 39 19.47 -10.20 4.97
C THR D 39 20.28 -10.36 6.25
N GLU D 40 21.16 -9.41 6.54
CA GLU D 40 21.97 -9.49 7.76
C GLU D 40 21.09 -9.43 8.99
N VAL D 41 20.15 -8.47 9.02
CA VAL D 41 19.21 -8.40 10.14
C VAL D 41 18.40 -9.69 10.24
N ALA D 42 17.97 -10.24 9.10
CA ALA D 42 17.18 -11.46 9.14
C ALA D 42 17.97 -12.64 9.67
N GLU D 43 19.26 -12.74 9.30
CA GLU D 43 20.09 -13.81 9.86
C GLU D 43 20.25 -13.66 11.38
N GLN D 44 20.43 -12.42 11.85
CA GLN D 44 20.52 -12.21 13.29
C GLN D 44 19.23 -12.60 13.98
N ASN D 45 18.10 -12.38 13.32
CA ASN D 45 16.80 -12.74 13.89
C ASN D 45 16.62 -14.24 13.95
N ALA D 46 17.05 -14.95 12.92
CA ALA D 46 17.00 -16.41 12.92
C ALA D 46 17.92 -17.00 14.01
N ARG D 47 19.09 -16.37 14.24
CA ARG D 47 19.99 -16.84 15.30
C ARG D 47 19.37 -16.69 16.68
N LYS D 48 18.71 -15.56 16.93
CA LYS D 48 18.02 -15.37 18.19
C LYS D 48 17.05 -16.51 18.49
N GLU D 49 16.57 -17.21 17.46
CA GLU D 49 15.64 -18.31 17.67
C GLU D 49 16.28 -19.68 17.45
N GLY D 50 17.62 -19.75 17.39
CA GLY D 50 18.30 -21.02 17.27
C GLY D 50 18.18 -21.67 15.91
N ARG D 51 17.85 -20.91 14.87
CA ARG D 51 17.65 -21.44 13.54
C ARG D 51 18.80 -21.09 12.63
N LYS D 52 19.00 -21.94 11.62
CA LYS D 52 19.96 -21.74 10.55
C LYS D 52 19.27 -21.48 9.22
N THR D 53 17.98 -21.16 9.26
CA THR D 53 17.19 -20.86 8.07
C THR D 53 16.49 -19.54 8.30
N ILE D 54 16.61 -18.63 7.32
CA ILE D 54 15.87 -17.37 7.38
C ILE D 54 14.44 -17.61 6.92
N LYS D 55 13.48 -17.21 7.76
CA LYS D 55 12.07 -17.37 7.49
C LYS D 55 11.40 -16.00 7.48
N ALA D 56 10.16 -15.97 7.00
CA ALA D 56 9.44 -14.71 6.87
C ALA D 56 9.26 -14.02 8.22
N ARG D 57 9.24 -14.78 9.32
CA ARG D 57 9.20 -14.19 10.65
C ARG D 57 10.45 -13.40 11.00
N ASP D 58 11.52 -13.51 10.21
CA ASP D 58 12.76 -12.81 10.52
C ASP D 58 12.83 -11.42 9.90
N ILE D 59 11.79 -11.02 9.19
CA ILE D 59 11.62 -9.66 8.72
C ILE D 59 10.49 -9.06 9.52
N LYS D 60 10.78 -8.08 10.35
CA LYS D 60 9.87 -7.66 11.40
C LYS D 60 9.43 -6.22 11.21
N GLN D 61 8.23 -5.94 11.71
CA GLN D 61 7.73 -4.59 11.88
C GLN D 61 7.53 -4.42 13.39
N CYS D 62 8.49 -3.79 14.05
CA CYS D 62 8.35 -3.58 15.49
C CYS D 62 7.11 -2.74 15.75
N ASP D 63 6.56 -2.87 16.95
CA ASP D 63 5.37 -2.11 17.28
C ASP D 63 5.71 -0.61 17.30
N ASP D 64 4.66 0.21 17.42
CA ASP D 64 4.82 1.64 17.23
C ASP D 64 5.66 2.27 18.33
N GLU D 65 5.62 1.72 19.54
CA GLU D 65 6.43 2.26 20.64
C GLU D 65 7.92 2.09 20.35
N ARG D 66 8.36 0.86 20.09
CA ARG D 66 9.78 0.64 19.82
C ARG D 66 10.21 1.36 18.55
N LEU D 67 9.35 1.35 17.54
CA LEU D 67 9.70 2.01 16.28
C LEU D 67 9.87 3.50 16.48
N LYS D 68 8.99 4.11 17.28
CA LYS D 68 9.09 5.55 17.55
C LYS D 68 10.46 5.88 18.15
N ARG D 69 10.81 5.20 19.24
CA ARG D 69 12.10 5.43 19.86
C ARG D 69 13.25 5.06 18.93
N LYS D 70 13.14 3.91 18.25
CA LYS D 70 14.22 3.49 17.35
C LYS D 70 14.49 4.54 16.28
N ILE D 71 13.43 5.09 15.68
CA ILE D 71 13.63 6.10 14.65
C ILE D 71 14.18 7.39 15.26
N MET D 72 13.61 7.83 16.38
CA MET D 72 14.16 9.01 17.06
C MET D 72 15.63 8.80 17.40
N GLU D 73 16.01 7.60 17.80
CA GLU D 73 17.43 7.34 18.07
C GLU D 73 18.24 7.34 16.78
N LEU D 74 17.60 7.00 15.65
CA LEU D 74 18.28 7.02 14.37
C LEU D 74 18.64 8.43 13.94
N SER D 75 17.82 9.41 14.33
CA SER D 75 18.15 10.80 14.01
C SER D 75 19.40 11.28 14.74
N GLU D 76 19.88 10.55 15.73
CA GLU D 76 21.13 10.89 16.40
C GLU D 76 22.36 10.40 15.66
N ARG D 77 22.20 9.63 14.58
CA ARG D 77 23.33 8.94 13.97
C ARG D 77 23.45 9.26 12.47
N THR D 78 23.15 10.50 12.07
CA THR D 78 23.16 10.82 10.64
C THR D 78 24.47 11.45 10.17
N ASP D 79 25.43 11.69 11.07
CA ASP D 79 26.69 12.24 10.60
C ASP D 79 27.54 11.18 9.90
N LYS D 80 27.40 9.91 10.29
CA LYS D 80 28.13 8.81 9.68
C LYS D 80 27.19 7.86 8.93
N MET D 81 25.97 8.30 8.69
CA MET D 81 25.02 7.48 7.94
C MET D 81 25.53 7.29 6.51
N PRO D 82 25.52 6.07 5.98
CA PRO D 82 25.95 5.87 4.57
C PRO D 82 25.04 6.63 3.61
N ILE D 83 25.65 7.09 2.50
CA ILE D 83 24.92 7.93 1.55
C ILE D 83 23.66 7.23 1.07
N LEU D 84 23.76 5.94 0.75
CA LEU D 84 22.61 5.20 0.23
C LEU D 84 21.48 5.12 1.26
N ILE D 85 21.80 5.03 2.55
CA ILE D 85 20.76 5.02 3.58
C ILE D 85 20.12 6.40 3.71
N LYS D 86 20.94 7.46 3.71
CA LYS D 86 20.41 8.82 3.69
C LYS D 86 19.47 9.03 2.51
N GLU D 87 19.79 8.44 1.36
CA GLU D 87 18.91 8.59 0.19
C GLU D 87 17.57 7.90 0.41
N MET D 88 17.59 6.68 0.96
CA MET D 88 16.34 6.00 1.27
CA MET D 88 16.35 5.98 1.30
C MET D 88 15.51 6.82 2.25
N LEU D 89 16.12 7.31 3.31
CA LEU D 89 15.39 8.06 4.32
C LEU D 89 14.87 9.37 3.75
N ASN D 90 15.64 10.00 2.86
CA ASN D 90 15.15 11.22 2.24
C ASN D 90 13.92 10.92 1.40
N VAL D 91 13.95 9.84 0.62
CA VAL D 91 12.79 9.41 -0.16
C VAL D 91 11.61 9.14 0.76
N ILE D 92 11.83 8.37 1.83
CA ILE D 92 10.73 8.00 2.70
C ILE D 92 10.15 9.22 3.38
N THR D 93 10.99 10.17 3.78
CA THR D 93 10.47 11.39 4.37
C THR D 93 9.96 12.37 3.32
N SER D 94 10.31 12.17 2.05
CA SER D 94 9.79 13.00 0.97
C SER D 94 8.46 12.49 0.43
N GLU D 95 8.07 11.27 0.80
CA GLU D 95 6.80 10.67 0.41
C GLU D 95 5.77 10.66 1.54
N LEU D 96 6.19 10.37 2.77
CA LEU D 96 5.26 10.29 3.90
C LEU D 96 5.15 11.62 4.65
#